data_7X5T
#
_entry.id   7X5T
#
_cell.length_a   116.600
_cell.length_b   116.600
_cell.length_c   116.600
_cell.angle_alpha   90.000
_cell.angle_beta   90.000
_cell.angle_gamma   90.000
#
_symmetry.space_group_name_H-M   'P 4 3 2'
#
loop_
_entity.id
_entity.type
_entity.pdbx_description
1 polymer Fiber-1
2 water water
#
_entity_poly.entity_id   1
_entity_poly.type   'polypeptide(L)'
_entity_poly.pdbx_seq_one_letter_code
;MGSSHHHHHHSSGLVPRGSHMASMTGGQQMGRGSSPFATYEVTPVLGISQRNGNVKSKGLQNWSIGYYIYMVSSAGLVNG
LITLELAHDLTGASGENSLTSGLNFTFVLSPMYPIETEVNLSLIVPPTVSPTNQNHVFVPNSNQSDVGYLGLPPHTRDNW
YVPIDSPGLRLVSFMPTATGNEKFGQGTLGYCAATIQNTSSGTTPSDAIAFTVSLPQTSGSNWFDQNAPDTVVTTGPIPF
SYQGYVYSPNGNNAPGP
;
_entity_poly.pdbx_strand_id   A
#
# COMPACT_ATOMS: atom_id res chain seq x y z
N SER A 34 14.42 28.71 -0.47
CA SER A 34 14.37 27.29 -0.95
C SER A 34 13.87 26.39 0.19
N SER A 35 12.81 25.61 -0.07
CA SER A 35 12.06 24.86 0.97
C SER A 35 13.00 23.91 1.70
N PRO A 36 12.88 23.80 3.06
CA PRO A 36 13.65 22.82 3.82
C PRO A 36 13.07 21.40 3.72
N PHE A 37 11.86 21.26 3.16
CA PHE A 37 11.14 19.97 3.05
C PHE A 37 11.43 19.31 1.71
N ALA A 38 11.41 17.98 1.70
CA ALA A 38 11.17 17.17 0.48
C ALA A 38 9.74 16.64 0.59
N THR A 39 9.04 16.58 -0.52
CA THR A 39 7.63 16.11 -0.60
C THR A 39 7.51 15.01 -1.65
N TYR A 40 6.58 14.11 -1.43
CA TYR A 40 6.25 12.99 -2.33
C TYR A 40 4.74 12.87 -2.41
N GLU A 41 4.19 12.93 -3.62
CA GLU A 41 2.73 12.82 -3.85
C GLU A 41 2.48 11.86 -5.00
N VAL A 42 1.62 10.87 -4.80
CA VAL A 42 1.26 10.00 -5.93
C VAL A 42 -0.21 9.57 -5.82
N THR A 43 -0.87 9.60 -6.97
CA THR A 43 -2.30 9.31 -7.15
C THR A 43 -2.50 9.12 -8.65
N PRO A 44 -3.51 8.34 -9.08
CA PRO A 44 -3.83 8.22 -10.50
C PRO A 44 -4.11 9.62 -11.07
N VAL A 45 -3.84 9.80 -12.35
CA VAL A 45 -3.96 11.12 -13.03
C VAL A 45 -5.39 11.66 -12.84
N LEU A 46 -6.41 10.80 -12.95
CA LEU A 46 -7.84 11.21 -12.79
C LEU A 46 -8.27 11.12 -11.32
N GLY A 47 -7.33 10.94 -10.40
CA GLY A 47 -7.61 10.97 -8.95
C GLY A 47 -7.96 9.60 -8.41
N ILE A 48 -8.26 9.54 -7.12
CA ILE A 48 -8.36 8.25 -6.38
C ILE A 48 -9.51 7.39 -6.95
N SER A 49 -10.50 7.98 -7.63
CA SER A 49 -11.65 7.22 -8.19
C SER A 49 -11.25 6.50 -9.49
N GLN A 50 -10.09 6.82 -10.08
CA GLN A 50 -9.49 6.07 -11.22
C GLN A 50 -8.69 4.92 -10.61
N ARG A 51 -9.31 3.76 -10.45
CA ARG A 51 -8.73 2.66 -9.62
CA ARG A 51 -8.75 2.65 -9.63
C ARG A 51 -7.86 1.79 -10.52
N ASN A 52 -6.68 2.33 -10.90
CA ASN A 52 -5.79 1.65 -11.86
CA ASN A 52 -5.69 1.82 -11.86
C ASN A 52 -4.52 1.15 -11.15
N GLY A 53 -4.44 1.31 -9.84
CA GLY A 53 -3.40 0.63 -9.04
C GLY A 53 -3.75 -0.83 -8.88
N ASN A 54 -2.85 -1.59 -8.26
CA ASN A 54 -3.01 -3.04 -8.01
C ASN A 54 -2.71 -3.31 -6.52
N VAL A 55 -3.58 -4.08 -5.86
CA VAL A 55 -3.24 -4.71 -4.56
C VAL A 55 -3.32 -6.23 -4.69
N LYS A 56 -2.51 -6.91 -3.89
CA LYS A 56 -2.51 -8.38 -3.77
C LYS A 56 -3.42 -8.74 -2.59
N SER A 57 -4.45 -9.53 -2.85
CA SER A 57 -5.39 -9.97 -1.80
C SER A 57 -4.78 -11.13 -1.01
N LYS A 58 -5.37 -11.41 0.14
CA LYS A 58 -5.01 -12.58 0.97
C LYS A 58 -5.24 -13.89 0.20
N GLY A 59 -6.20 -13.91 -0.76
CA GLY A 59 -6.43 -15.05 -1.66
C GLY A 59 -5.47 -15.10 -2.86
N LEU A 60 -4.51 -14.17 -2.91
CA LEU A 60 -3.48 -14.03 -3.98
C LEU A 60 -4.14 -13.57 -5.28
N GLN A 61 -5.29 -12.92 -5.20
CA GLN A 61 -5.94 -12.26 -6.37
CA GLN A 61 -5.97 -12.25 -6.35
C GLN A 61 -5.31 -10.88 -6.56
N ASN A 62 -5.39 -10.34 -7.77
CA ASN A 62 -4.96 -8.95 -8.03
C ASN A 62 -6.25 -8.12 -8.11
N TRP A 63 -6.40 -7.15 -7.22
CA TRP A 63 -7.57 -6.23 -7.19
C TRP A 63 -7.15 -4.85 -7.67
N SER A 64 -8.03 -4.17 -8.39
CA SER A 64 -7.88 -2.75 -8.77
C SER A 64 -8.05 -1.91 -7.52
N ILE A 65 -7.21 -0.90 -7.36
CA ILE A 65 -7.29 0.03 -6.20
C ILE A 65 -7.10 1.47 -6.67
N GLY A 66 -7.81 2.38 -6.02
CA GLY A 66 -7.51 3.82 -6.03
C GLY A 66 -6.62 4.16 -4.85
N TYR A 67 -5.63 5.01 -5.05
CA TYR A 67 -4.67 5.39 -3.99
C TYR A 67 -4.43 6.90 -4.04
N TYR A 68 -4.17 7.47 -2.86
CA TYR A 68 -3.59 8.82 -2.70
C TYR A 68 -2.59 8.78 -1.55
N ILE A 69 -1.34 9.09 -1.85
CA ILE A 69 -0.23 9.07 -0.86
C ILE A 69 0.43 10.44 -0.86
N TYR A 70 0.56 11.03 0.32
CA TYR A 70 1.32 12.30 0.48
C TYR A 70 2.29 12.10 1.64
N MET A 71 3.57 12.38 1.39
CA MET A 71 4.63 12.26 2.42
C MET A 71 5.50 13.53 2.43
N VAL A 72 5.91 13.92 3.62
CA VAL A 72 6.83 15.07 3.85
C VAL A 72 8.03 14.56 4.65
N SER A 73 9.22 14.86 4.17
CA SER A 73 10.52 14.54 4.82
C SER A 73 11.05 15.79 5.51
N SER A 74 11.29 15.66 6.81
CA SER A 74 11.85 16.71 7.70
C SER A 74 13.14 16.15 8.30
N ALA A 75 14.31 16.57 7.80
CA ALA A 75 15.63 16.13 8.32
C ALA A 75 15.68 14.60 8.42
N GLY A 76 15.18 13.91 7.40
CA GLY A 76 15.30 12.45 7.27
C GLY A 76 14.17 11.67 7.93
N LEU A 77 13.24 12.34 8.63
CA LEU A 77 12.03 11.71 9.21
CA LEU A 77 12.04 11.69 9.19
C LEU A 77 10.85 11.96 8.26
N VAL A 78 10.22 10.89 7.80
CA VAL A 78 9.07 10.98 6.86
C VAL A 78 7.78 10.80 7.65
N ASN A 79 6.86 11.75 7.50
CA ASN A 79 5.45 11.62 7.96
C ASN A 79 4.58 11.52 6.70
N GLY A 80 3.63 10.61 6.70
CA GLY A 80 2.82 10.34 5.50
C GLY A 80 1.36 10.11 5.81
N LEU A 81 0.54 10.21 4.77
CA LEU A 81 -0.88 9.81 4.78
C LEU A 81 -1.12 8.95 3.54
N ILE A 82 -1.73 7.80 3.76
CA ILE A 82 -2.14 6.87 2.66
C ILE A 82 -3.65 6.68 2.72
N THR A 83 -4.29 6.87 1.56
CA THR A 83 -5.73 6.60 1.37
C THR A 83 -5.87 5.53 0.29
N LEU A 84 -6.62 4.47 0.56
CA LEU A 84 -6.87 3.36 -0.40
C LEU A 84 -8.38 3.16 -0.56
N GLU A 85 -8.83 3.03 -1.80
CA GLU A 85 -10.25 2.88 -2.17
C GLU A 85 -10.42 1.63 -3.05
N LEU A 86 -11.26 0.69 -2.61
CA LEU A 86 -11.70 -0.47 -3.45
C LEU A 86 -13.14 -0.24 -3.92
N ALA A 87 -13.43 -0.63 -5.16
CA ALA A 87 -14.81 -0.79 -5.68
C ALA A 87 -15.25 -2.24 -5.50
N HIS A 88 -16.56 -2.46 -5.58
CA HIS A 88 -17.24 -3.77 -5.44
C HIS A 88 -17.11 -4.53 -6.77
N ASP A 89 -15.88 -4.86 -7.16
CA ASP A 89 -15.58 -5.58 -8.44
C ASP A 89 -14.47 -6.60 -8.21
N LEU A 90 -14.43 -7.20 -7.03
CA LEU A 90 -13.27 -8.00 -6.57
C LEU A 90 -13.46 -9.44 -7.04
N THR A 91 -12.34 -10.14 -7.27
CA THR A 91 -12.30 -11.59 -7.54
C THR A 91 -11.93 -12.30 -6.24
N GLY A 92 -12.76 -13.24 -5.78
CA GLY A 92 -12.43 -14.19 -4.69
C GLY A 92 -12.53 -15.63 -5.18
N ALA A 93 -12.27 -16.61 -4.30
CA ALA A 93 -12.42 -18.06 -4.57
C ALA A 93 -13.90 -18.39 -4.77
N SER A 94 -14.22 -19.53 -5.39
CA SER A 94 -15.62 -20.03 -5.46
C SER A 94 -16.12 -20.20 -4.01
N GLY A 95 -17.27 -19.59 -3.70
CA GLY A 95 -17.97 -19.75 -2.40
C GLY A 95 -17.43 -18.85 -1.29
N GLU A 96 -16.40 -18.04 -1.57
CA GLU A 96 -15.83 -17.08 -0.59
C GLU A 96 -16.78 -15.90 -0.46
N ASN A 97 -17.02 -15.38 0.75
CA ASN A 97 -17.91 -14.21 1.02
C ASN A 97 -17.14 -13.16 1.83
N SER A 98 -17.12 -11.91 1.38
CA SER A 98 -16.49 -10.77 2.09
C SER A 98 -17.08 -10.62 3.50
N LEU A 99 -18.37 -10.93 3.68
CA LEU A 99 -19.07 -10.79 5.00
C LEU A 99 -18.44 -11.74 6.03
N THR A 100 -17.80 -12.84 5.61
CA THR A 100 -17.12 -13.84 6.48
CA THR A 100 -17.12 -13.79 6.54
C THR A 100 -15.60 -13.63 6.46
N SER A 101 -15.02 -13.31 5.29
CA SER A 101 -13.55 -13.29 5.06
CA SER A 101 -13.55 -13.30 5.08
C SER A 101 -12.97 -11.90 5.35
N GLY A 102 -13.79 -10.86 5.22
CA GLY A 102 -13.29 -9.46 5.20
C GLY A 102 -12.56 -9.15 3.89
N LEU A 103 -12.05 -7.93 3.77
CA LEU A 103 -11.21 -7.50 2.63
C LEU A 103 -9.80 -7.29 3.16
N ASN A 104 -8.90 -8.17 2.73
CA ASN A 104 -7.51 -8.24 3.22
C ASN A 104 -6.59 -8.13 2.01
N PHE A 105 -5.70 -7.13 2.01
CA PHE A 105 -4.93 -6.83 0.78
C PHE A 105 -3.69 -6.01 1.12
N THR A 106 -2.74 -6.04 0.20
CA THR A 106 -1.42 -5.40 0.34
C THR A 106 -1.18 -4.45 -0.83
N PHE A 107 -0.71 -3.24 -0.51
CA PHE A 107 -0.23 -2.19 -1.45
C PHE A 107 1.27 -2.01 -1.19
N VAL A 108 2.11 -2.02 -2.23
CA VAL A 108 3.57 -1.81 -2.05
C VAL A 108 3.99 -0.60 -2.86
N LEU A 109 4.63 0.37 -2.20
CA LEU A 109 5.19 1.59 -2.81
C LEU A 109 6.71 1.47 -2.92
N SER A 110 7.26 1.56 -4.12
CA SER A 110 8.72 1.69 -4.38
C SER A 110 9.03 3.16 -4.61
N PRO A 111 9.49 3.93 -3.58
CA PRO A 111 9.68 5.37 -3.75
C PRO A 111 10.69 5.76 -4.84
N MET A 112 11.62 4.86 -5.23
CA MET A 112 12.63 5.17 -6.27
C MET A 112 12.01 5.12 -7.67
N TYR A 113 10.84 4.51 -7.85
CA TYR A 113 10.14 4.50 -9.15
C TYR A 113 9.82 5.93 -9.56
N PRO A 114 10.05 6.35 -10.84
CA PRO A 114 10.62 5.52 -11.89
C PRO A 114 12.11 5.72 -12.19
N ILE A 115 12.83 6.40 -11.29
CA ILE A 115 14.31 6.54 -11.42
C ILE A 115 14.87 5.12 -11.50
N GLU A 116 14.40 4.23 -10.62
CA GLU A 116 14.50 2.77 -10.77
C GLU A 116 13.20 2.29 -11.42
N THR A 117 13.26 1.77 -12.65
CA THR A 117 12.06 1.42 -13.45
C THR A 117 11.59 -0.01 -13.16
N GLU A 118 12.44 -0.88 -12.60
CA GLU A 118 12.24 -2.36 -12.59
C GLU A 118 11.09 -2.77 -11.65
N VAL A 119 10.87 -2.07 -10.53
CA VAL A 119 9.94 -2.54 -9.46
C VAL A 119 8.78 -1.56 -9.30
N ASN A 120 7.55 -2.07 -9.44
CA ASN A 120 6.32 -1.26 -9.22
C ASN A 120 5.14 -2.22 -9.02
N LEU A 121 5.13 -2.91 -7.88
CA LEU A 121 4.19 -4.03 -7.63
C LEU A 121 2.75 -3.53 -7.77
N SER A 122 2.45 -2.36 -7.20
CA SER A 122 1.06 -1.82 -7.13
C SER A 122 0.72 -0.94 -8.34
N LEU A 123 1.57 -0.90 -9.37
CA LEU A 123 1.29 -0.23 -10.68
C LEU A 123 0.92 1.25 -10.47
N ILE A 124 1.69 1.97 -9.65
CA ILE A 124 1.52 3.44 -9.50
C ILE A 124 1.99 4.13 -10.79
N VAL A 125 1.51 5.34 -10.98
CA VAL A 125 2.05 6.34 -11.94
C VAL A 125 3.24 6.98 -11.27
N PRO A 126 4.13 7.65 -12.02
CA PRO A 126 5.27 8.33 -11.43
C PRO A 126 4.79 9.36 -10.40
N PRO A 127 5.46 9.43 -9.22
CA PRO A 127 5.12 10.44 -8.22
C PRO A 127 5.61 11.84 -8.60
N THR A 128 4.96 12.85 -8.03
CA THR A 128 5.44 14.25 -8.00
C THR A 128 6.34 14.39 -6.76
N VAL A 129 7.64 14.59 -7.00
CA VAL A 129 8.64 14.71 -5.92
C VAL A 129 9.23 16.13 -5.99
N SER A 130 9.33 16.78 -4.83
CA SER A 130 9.93 18.12 -4.70
C SER A 130 11.04 18.05 -3.68
N PRO A 131 12.29 18.47 -4.00
CA PRO A 131 12.70 18.79 -5.37
C PRO A 131 12.65 17.61 -6.34
N THR A 132 12.60 17.89 -7.64
CA THR A 132 12.60 16.88 -8.74
C THR A 132 13.76 15.89 -8.52
N ASN A 133 13.48 14.59 -8.66
CA ASN A 133 14.45 13.47 -8.63
C ASN A 133 15.07 13.30 -7.24
N GLN A 134 14.45 13.80 -6.16
CA GLN A 134 14.89 13.51 -4.76
C GLN A 134 14.12 12.29 -4.23
N ASN A 135 13.74 11.34 -5.09
CA ASN A 135 12.97 10.14 -4.71
C ASN A 135 13.68 9.36 -3.59
N HIS A 136 15.02 9.29 -3.61
CA HIS A 136 15.77 8.42 -2.67
C HIS A 136 15.57 8.89 -1.22
N VAL A 137 15.23 10.17 -1.01
CA VAL A 137 14.93 10.75 0.33
C VAL A 137 13.84 9.87 0.99
N PHE A 138 12.92 9.32 0.21
CA PHE A 138 11.73 8.59 0.72
C PHE A 138 11.96 7.08 0.78
N VAL A 139 13.11 6.59 0.33
CA VAL A 139 13.45 5.15 0.51
C VAL A 139 13.67 4.93 2.01
N PRO A 140 13.01 3.92 2.63
CA PRO A 140 13.26 3.61 4.03
C PRO A 140 14.74 3.32 4.29
N ASN A 141 15.25 3.89 5.39
CA ASN A 141 16.68 3.78 5.77
C ASN A 141 17.03 2.32 6.12
N SER A 142 18.26 1.87 5.83
CA SER A 142 18.75 0.48 6.08
C SER A 142 18.38 0.02 7.51
N ASN A 143 18.34 0.92 8.50
CA ASN A 143 17.98 0.61 9.90
C ASN A 143 16.46 0.37 10.05
N GLN A 144 15.66 0.44 8.98
CA GLN A 144 14.20 0.18 9.09
C GLN A 144 13.92 -1.32 8.95
N SER A 145 14.97 -2.15 8.72
CA SER A 145 14.81 -3.61 8.51
CA SER A 145 14.84 -3.61 8.45
C SER A 145 16.06 -4.37 9.00
N ASP A 146 16.34 -4.33 10.31
N ASP A 146 16.38 -4.19 10.29
CA ASP A 146 17.48 -5.03 10.98
CA ASP A 146 17.48 -4.91 10.99
C ASP A 146 16.98 -6.26 11.76
C ASP A 146 16.92 -6.22 11.56
N VAL A 147 17.83 -7.27 11.92
N VAL A 147 17.79 -7.16 11.92
CA VAL A 147 17.57 -8.53 12.70
CA VAL A 147 17.42 -8.55 12.30
C VAL A 147 16.92 -9.55 11.76
C VAL A 147 16.70 -9.16 11.08
N GLY A 148 15.80 -9.14 11.17
N GLY A 148 15.49 -9.68 11.27
CA GLY A 148 15.13 -9.79 10.04
CA GLY A 148 14.61 -10.05 10.14
C GLY A 148 14.64 -8.69 9.13
C GLY A 148 14.30 -8.83 9.30
N TYR A 149 14.03 -9.04 8.01
CA TYR A 149 13.48 -8.04 7.07
C TYR A 149 12.31 -8.69 6.35
N LEU A 150 11.28 -7.94 6.03
CA LEU A 150 10.25 -8.41 5.07
C LEU A 150 10.89 -8.45 3.68
N GLY A 151 10.93 -9.63 3.05
CA GLY A 151 11.38 -9.80 1.66
C GLY A 151 10.21 -10.04 0.73
N LEU A 152 10.18 -9.36 -0.42
CA LEU A 152 9.08 -9.50 -1.42
C LEU A 152 9.66 -9.88 -2.79
N PRO A 153 8.91 -10.64 -3.61
CA PRO A 153 9.29 -10.89 -5.00
C PRO A 153 9.10 -9.65 -5.88
N PRO A 154 9.68 -9.61 -7.09
CA PRO A 154 9.78 -8.37 -7.87
C PRO A 154 8.65 -8.02 -8.86
N HIS A 155 7.74 -8.94 -9.14
CA HIS A 155 6.74 -8.81 -10.23
C HIS A 155 5.31 -8.78 -9.67
N THR A 156 4.45 -7.95 -10.28
CA THR A 156 3.02 -7.77 -9.90
C THR A 156 2.34 -9.15 -9.84
N ARG A 157 2.69 -10.06 -10.75
CA ARG A 157 2.02 -11.39 -10.85
C ARG A 157 2.47 -12.30 -9.70
N ASP A 158 3.57 -11.97 -9.01
CA ASP A 158 4.19 -12.85 -7.98
C ASP A 158 3.40 -12.76 -6.68
N ASN A 159 3.77 -13.55 -5.68
CA ASN A 159 3.05 -13.63 -4.39
C ASN A 159 3.67 -12.66 -3.39
N TRP A 160 3.11 -11.45 -3.29
CA TRP A 160 3.61 -10.40 -2.36
C TRP A 160 2.50 -9.96 -1.39
N TYR A 161 1.51 -10.82 -1.11
CA TYR A 161 0.54 -10.60 -0.02
C TYR A 161 1.31 -10.63 1.31
N VAL A 162 1.03 -9.64 2.17
CA VAL A 162 1.67 -9.53 3.51
C VAL A 162 0.60 -9.73 4.57
N PRO A 163 0.67 -10.84 5.35
CA PRO A 163 -0.29 -11.08 6.44
C PRO A 163 -0.31 -9.90 7.42
N ILE A 164 -1.49 -9.65 7.98
CA ILE A 164 -1.74 -8.49 8.88
C ILE A 164 -0.97 -8.65 10.20
N ASP A 165 -0.48 -9.87 10.50
CA ASP A 165 0.32 -10.16 11.72
C ASP A 165 1.78 -10.46 11.35
N SER A 166 2.23 -10.03 10.17
CA SER A 166 3.63 -10.19 9.72
CA SER A 166 3.63 -10.19 9.71
C SER A 166 4.58 -9.50 10.69
N PRO A 167 5.65 -10.19 11.13
CA PRO A 167 6.71 -9.53 11.89
C PRO A 167 7.18 -8.24 11.23
N GLY A 168 7.35 -7.19 12.04
CA GLY A 168 7.91 -5.89 11.60
C GLY A 168 6.86 -4.86 11.29
N LEU A 169 5.58 -5.22 11.18
CA LEU A 169 4.54 -4.20 10.87
C LEU A 169 4.37 -3.20 12.02
N ARG A 170 4.27 -1.93 11.66
CA ARG A 170 3.71 -0.86 12.53
C ARG A 170 2.20 -0.91 12.30
N LEU A 171 1.41 -0.96 13.37
CA LEU A 171 -0.06 -1.20 13.27
C LEU A 171 -0.83 0.07 13.65
N VAL A 172 -1.85 0.37 12.85
CA VAL A 172 -2.74 1.55 13.00
CA VAL A 172 -2.75 1.52 13.10
C VAL A 172 -4.19 1.07 12.89
N SER A 173 -5.10 1.70 13.63
CA SER A 173 -6.54 1.41 13.62
C SER A 173 -7.32 2.60 13.03
N PHE A 174 -8.43 2.30 12.36
CA PHE A 174 -9.30 3.32 11.74
C PHE A 174 -10.65 2.68 11.40
N MET A 175 -11.65 3.53 11.25
CA MET A 175 -12.98 3.13 10.74
C MET A 175 -13.01 3.54 9.28
N PRO A 176 -13.16 2.58 8.34
CA PRO A 176 -13.33 2.92 6.94
C PRO A 176 -14.73 3.50 6.69
N THR A 177 -14.94 3.98 5.47
CA THR A 177 -16.24 4.54 5.03
C THR A 177 -16.63 3.86 3.72
N ALA A 178 -17.87 3.38 3.63
CA ALA A 178 -18.39 2.75 2.40
C ALA A 178 -19.71 3.42 1.99
N THR A 179 -20.07 3.27 0.72
CA THR A 179 -21.32 3.81 0.13
C THR A 179 -22.52 3.02 0.63
N GLY A 180 -23.67 3.70 0.74
CA GLY A 180 -25.00 3.08 0.89
C GLY A 180 -25.08 2.16 2.09
N ASN A 181 -25.43 0.90 1.86
CA ASN A 181 -25.78 -0.09 2.92
C ASN A 181 -24.57 -0.96 3.28
N GLU A 182 -23.40 -0.72 2.68
CA GLU A 182 -22.15 -1.46 2.99
C GLU A 182 -21.56 -0.92 4.30
N LYS A 183 -21.42 -1.79 5.30
CA LYS A 183 -20.96 -1.40 6.66
C LYS A 183 -19.74 -2.24 7.03
N PHE A 184 -18.68 -1.54 7.45
CA PHE A 184 -17.37 -2.12 7.81
C PHE A 184 -17.06 -1.80 9.28
N GLY A 185 -16.49 -2.78 9.98
CA GLY A 185 -16.04 -2.60 11.36
C GLY A 185 -14.67 -1.94 11.42
N GLN A 186 -14.02 -2.05 12.56
CA GLN A 186 -12.71 -1.41 12.79
C GLN A 186 -11.65 -2.07 11.90
N GLY A 187 -10.99 -1.27 11.09
CA GLY A 187 -9.92 -1.70 10.19
C GLY A 187 -8.54 -1.59 10.82
N THR A 188 -7.60 -2.33 10.25
CA THR A 188 -6.18 -2.33 10.66
C THR A 188 -5.31 -2.11 9.42
N LEU A 189 -4.31 -1.25 9.54
CA LEU A 189 -3.21 -1.16 8.56
C LEU A 189 -1.91 -1.50 9.28
N GLY A 190 -1.09 -2.28 8.60
CA GLY A 190 0.29 -2.57 9.00
C GLY A 190 1.23 -2.03 7.94
N TYR A 191 2.30 -1.37 8.34
CA TYR A 191 3.29 -0.89 7.34
C TYR A 191 4.71 -1.19 7.85
N CYS A 192 5.61 -1.36 6.90
CA CYS A 192 7.06 -1.58 7.20
C CYS A 192 7.89 -1.46 5.93
N ALA A 193 9.19 -1.30 6.11
CA ALA A 193 10.17 -1.34 5.01
C ALA A 193 10.18 -2.78 4.46
N ALA A 194 10.41 -2.92 3.17
CA ALA A 194 10.53 -4.25 2.52
C ALA A 194 11.71 -4.23 1.55
N THR A 195 12.47 -5.32 1.50
CA THR A 195 13.51 -5.53 0.47
C THR A 195 12.85 -6.31 -0.68
N ILE A 196 13.18 -5.96 -1.91
CA ILE A 196 12.70 -6.68 -3.11
C ILE A 196 13.81 -7.65 -3.53
N GLN A 197 13.44 -8.92 -3.76
CA GLN A 197 14.36 -10.07 -3.94
C GLN A 197 14.22 -10.66 -5.35
N ASN A 198 15.32 -11.14 -5.94
CA ASN A 198 15.34 -11.98 -7.18
C ASN A 198 14.81 -11.20 -8.39
N THR A 199 15.25 -9.94 -8.57
CA THR A 199 14.90 -9.11 -9.77
C THR A 199 15.43 -9.77 -11.05
N SER A 200 14.73 -9.57 -12.17
CA SER A 200 15.04 -10.16 -13.50
C SER A 200 16.42 -9.70 -13.99
N SER A 201 16.80 -8.45 -13.71
CA SER A 201 18.10 -7.84 -14.12
C SER A 201 19.25 -8.40 -13.27
N GLY A 202 18.96 -8.84 -12.04
CA GLY A 202 19.98 -9.22 -11.04
C GLY A 202 20.53 -8.00 -10.31
N THR A 203 19.93 -6.82 -10.50
CA THR A 203 20.27 -5.57 -9.76
C THR A 203 19.44 -5.52 -8.48
N THR A 204 20.06 -5.16 -7.35
CA THR A 204 19.37 -4.95 -6.05
C THR A 204 18.59 -3.64 -6.13
N PRO A 205 17.24 -3.68 -6.08
CA PRO A 205 16.45 -2.46 -6.05
C PRO A 205 16.58 -1.78 -4.68
N SER A 206 16.28 -0.49 -4.64
CA SER A 206 16.11 0.25 -3.36
C SER A 206 14.92 -0.37 -2.62
N ASP A 207 14.90 -0.23 -1.29
CA ASP A 207 13.79 -0.75 -0.45
C ASP A 207 12.47 -0.07 -0.81
N ALA A 208 11.38 -0.78 -0.54
CA ALA A 208 9.98 -0.34 -0.73
C ALA A 208 9.31 -0.19 0.63
N ILE A 209 8.07 0.28 0.64
CA ILE A 209 7.20 0.31 1.86
C ILE A 209 5.98 -0.55 1.57
N ALA A 210 5.74 -1.56 2.39
CA ALA A 210 4.54 -2.43 2.31
C ALA A 210 3.46 -1.83 3.21
N PHE A 211 2.23 -1.79 2.69
CA PHE A 211 1.02 -1.35 3.43
C PHE A 211 0.01 -2.48 3.30
N THR A 212 -0.27 -3.16 4.40
CA THR A 212 -1.24 -4.29 4.41
C THR A 212 -2.44 -3.92 5.27
N VAL A 213 -3.62 -4.26 4.75
CA VAL A 213 -4.90 -3.76 5.29
C VAL A 213 -5.85 -4.94 5.55
N SER A 214 -6.57 -4.86 6.67
CA SER A 214 -7.70 -5.76 6.99
C SER A 214 -8.95 -4.90 7.21
N LEU A 215 -9.96 -5.08 6.36
CA LEU A 215 -11.30 -4.43 6.55
C LEU A 215 -12.34 -5.50 6.83
N PRO A 216 -12.63 -5.82 8.11
CA PRO A 216 -13.76 -6.68 8.43
C PRO A 216 -15.09 -5.99 8.05
N GLN A 217 -16.02 -6.77 7.50
CA GLN A 217 -17.32 -6.26 7.01
C GLN A 217 -18.44 -6.74 7.95
N THR A 218 -19.27 -5.80 8.41
CA THR A 218 -20.37 -6.05 9.39
CA THR A 218 -20.37 -6.06 9.39
C THR A 218 -21.66 -6.44 8.65
N SER A 219 -21.98 -5.75 7.54
CA SER A 219 -23.26 -5.97 6.81
C SER A 219 -23.17 -5.39 5.40
N GLY A 220 -24.17 -5.71 4.59
CA GLY A 220 -24.18 -5.34 3.16
C GLY A 220 -24.15 -6.59 2.30
N SER A 221 -23.32 -6.60 1.26
CA SER A 221 -23.34 -7.63 0.19
C SER A 221 -21.97 -8.32 0.14
N ASN A 222 -21.89 -9.38 -0.68
CA ASN A 222 -20.64 -10.12 -0.96
C ASN A 222 -19.86 -9.37 -2.04
N TRP A 223 -18.76 -8.73 -1.65
CA TRP A 223 -17.90 -7.91 -2.54
C TRP A 223 -17.21 -8.77 -3.62
N PHE A 224 -17.26 -10.10 -3.50
CA PHE A 224 -16.56 -11.03 -4.44
C PHE A 224 -17.48 -11.51 -5.56
N ASP A 225 -18.78 -11.20 -5.49
CA ASP A 225 -19.78 -11.77 -6.41
C ASP A 225 -20.01 -10.79 -7.57
N GLN A 226 -20.99 -9.90 -7.47
CA GLN A 226 -21.41 -9.03 -8.59
C GLN A 226 -20.51 -7.80 -8.68
N ASN A 227 -20.27 -7.36 -9.92
CA ASN A 227 -19.61 -6.08 -10.26
C ASN A 227 -20.62 -4.98 -9.93
N ALA A 228 -20.34 -4.17 -8.91
CA ALA A 228 -21.15 -2.95 -8.59
C ALA A 228 -20.20 -1.77 -8.55
N PRO A 229 -19.84 -1.18 -9.72
CA PRO A 229 -18.73 -0.24 -9.80
C PRO A 229 -18.94 1.06 -9.00
N ASP A 230 -20.19 1.39 -8.69
CA ASP A 230 -20.64 2.59 -7.92
C ASP A 230 -20.45 2.36 -6.41
N THR A 231 -20.20 1.13 -5.98
CA THR A 231 -20.15 0.73 -4.55
C THR A 231 -18.69 0.67 -4.13
N VAL A 232 -18.31 1.51 -3.16
CA VAL A 232 -16.87 1.82 -2.87
C VAL A 232 -16.67 1.82 -1.35
N VAL A 233 -15.49 1.38 -0.91
CA VAL A 233 -15.01 1.53 0.49
C VAL A 233 -13.68 2.27 0.44
N THR A 234 -13.50 3.25 1.33
CA THR A 234 -12.22 3.97 1.48
C THR A 234 -11.69 3.76 2.90
N THR A 235 -10.38 3.64 3.02
CA THR A 235 -9.68 3.63 4.33
C THR A 235 -9.72 5.02 4.95
N GLY A 236 -9.94 6.07 4.15
CA GLY A 236 -9.59 7.44 4.55
C GLY A 236 -8.08 7.60 4.71
N PRO A 237 -7.61 8.82 5.05
CA PRO A 237 -6.18 9.09 5.13
C PRO A 237 -5.57 8.54 6.43
N ILE A 238 -4.75 7.51 6.32
CA ILE A 238 -4.12 6.81 7.46
C ILE A 238 -2.71 7.35 7.63
N PRO A 239 -2.36 7.85 8.83
CA PRO A 239 -1.03 8.37 9.09
C PRO A 239 0.00 7.25 9.33
N PHE A 240 1.23 7.52 8.91
CA PHE A 240 2.38 6.60 9.13
C PHE A 240 3.65 7.44 9.18
N SER A 241 4.69 6.87 9.77
CA SER A 241 5.97 7.57 9.95
C SER A 241 7.12 6.57 9.86
N TYR A 242 8.21 6.95 9.22
CA TYR A 242 9.42 6.10 9.08
C TYR A 242 10.63 7.01 8.81
N GLN A 243 11.82 6.44 8.90
CA GLN A 243 13.09 7.14 8.65
C GLN A 243 13.55 6.83 7.23
N GLY A 244 13.77 7.89 6.45
CA GLY A 244 14.37 7.83 5.11
C GLY A 244 15.80 8.36 5.16
N TYR A 245 16.17 9.12 4.14
CA TYR A 245 17.49 9.77 3.97
C TYR A 245 17.27 11.27 4.08
N VAL A 246 18.31 12.00 4.46
CA VAL A 246 18.19 13.44 4.81
C VAL A 246 18.26 14.24 3.52
N TYR A 247 17.26 15.08 3.27
CA TYR A 247 17.29 16.14 2.23
C TYR A 247 17.77 17.44 2.88
N SER A 248 18.75 18.11 2.27
CA SER A 248 19.23 19.44 2.70
C SER A 248 19.36 20.33 1.46
N PRO A 249 18.72 21.52 1.41
CA PRO A 249 18.74 22.36 0.22
C PRO A 249 20.14 22.91 -0.13
#